data_7SOF
#
_entry.id   7SOF
#
loop_
_entity.id
_entity.type
_entity.pdbx_description
1 polymer 'S2X303 Fab light chain'
2 polymer 'S2X303 Fab heavy chain'
3 polymer 'Spike glycoprotein'
4 branched beta-D-mannopyranose-(1-4)-2-acetamido-2-deoxy-beta-D-glucopyranose-(1-4)-2-acetamido-2-deoxy-beta-D-glucopyranose
5 non-polymer 2-acetamido-2-deoxy-beta-D-glucopyranose
#
loop_
_entity_poly.entity_id
_entity_poly.type
_entity_poly.pdbx_seq_one_letter_code
_entity_poly.pdbx_strand_id
1 'polypeptide(L)'
;SYELTQPPSVSVSPGQTASITCSGDKLGETYASWYQQKPGQSPILVIYQDNKRPSGIPERFSGSNSENTATLTISGTQTM
DEADYYCQAWDKTIAGFGGGTKLTV
;
L
2 'polypeptide(L)'
;QITLKESGPTLVKPTQTLTLTCKLSGFSVNTGGVGVGWIRQPPGKALEWLALIYWNDDKLYSPSLKSRLTVTKDTSKNQV
VLTMTNMDPVDTATYYCAHVLVWFGEVLPDAFDVWGQGTMVTVSS
;
H
3 'polypeptide(L)'
;MFVFLVLLPLVSSQCVNLTTRTQLPPAYTNSFTRGVYYPDKVFRSSVLHSTQDLFLPFFSNVTWFHAIHVSGTNGTKRFD
NPVLPFNDGVYFASIEKSNIIRGWIFGTTLDSKTQSLLIVNNATNVVIKVCEFQFCNDPFLDVYYHKNNKSWMKSEFRVY
SSANNCTFEYVSQPFLMDLEGKQGNFKNLREFVFKNIDGYFKIYSKHTPINLVRDLPQGFSALEPLVDLPIGINITRFQT
LLALHRSYLTPGDSSSGWTAGAAAYYVGYLQPRTFLLKYNENGTITDAVDCALDPLSETKCTLKSFTVEKGIYQTSNFRV
QPTESIVRFPNITNLCPFGEVFNATRFASVYAWNRKRISNCVADYSVLYNSASFSTFKCYGVCPTKLNDLCFTNVYADSF
VIRGDEVRQIAPGQTGKIADYNYKLPDDFTGCVIAWNSNNLDSKVGGNYNYRYRLFRKSNLKPFERDISTEIYQAGSTPC
NGVQGFNCYFPLQSYGFQPTNGVGYQPYRVVVLSFELLHAPATVCGPKKSTNLVKNKCVNFNFNGLTGTGVLTESNKKFL
PFQQFGRDIADTTDAVRDPQTLEILDITPCSFGGVSVITPGTNTSNQVAVLYQGVNCTEVPVAIHADQLTPTWRVYSTGS
NVFQTRAGCLIGAEHVNNSYECDIPIGAGICASYQTQTNSRRRARSVASQSIIAYTMSLGAENSVAYSNNSIAIPTNFTI
SVTTEILPVSMTKTSVDCTMYICGDSTECSNLLLQYGSFCTQLNRALTGIAVEQDKNTQEVFAQVKQIYKTPPIKDFGGF
NFSQILPDPSKPSKRSPIEDLLFNKVTLADAGFIKQYGDCLGDIAARDLICAQKFNGLTVLPPLLTDEMIAQYTSALLAG
TITSGWTFGAGPALQIPFPMQMAYRFNGIGVTQNVLYENQKLIANQFNSAIGKIQDSLSSTPSALGKLQDVVNQNAQALN
TLVKQLSSNFGAISSVLNDILSRLCPPEAEVQIDRLITGRLQSLQTYVTQQLIRAAEIRASANLAATKMSECVLGQSKRV
DFCGKGYHLMSFPQSAPHGVVFLHVTYVPAHEKNFTTAPAICHDGKAHFPREGVFVSNGTHWFVTQRNFYEPQIITTDNT
FVSGNCDVVIGIVNNTVYDPLQPELDSFKEELDKYFKNHTSPDVDLGDISGINASVVNIQKEIDRLNEVAKNLNESLIDL
QELGKYEQGSGYIPEAPRDGQAYVRKDGEWVLLSTFLGRSLEVLFQGPGSGGLNDIFEAQKIEWHEGSGHHHHHHHH
;
A
#
loop_
_chem_comp.id
_chem_comp.type
_chem_comp.name
_chem_comp.formula
BMA D-saccharide, beta linking beta-D-mannopyranose 'C6 H12 O6'
NAG D-saccharide, beta linking 2-acetamido-2-deoxy-beta-D-glucopyranose 'C8 H15 N O6'
#
# COMPACT_ATOMS: atom_id res chain seq x y z
N SER A 1 -14.78 -10.94 20.20
CA SER A 1 -15.22 -10.33 18.95
C SER A 1 -15.78 -8.93 19.22
N TYR A 2 -16.00 -8.16 18.15
CA TYR A 2 -16.54 -6.81 18.22
C TYR A 2 -18.06 -6.84 18.38
N GLU A 3 -18.57 -6.12 19.37
CA GLU A 3 -20.01 -6.10 19.63
C GLU A 3 -20.74 -5.31 18.56
N LEU A 4 -21.77 -5.90 17.98
CA LEU A 4 -22.49 -5.24 16.91
C LEU A 4 -23.95 -5.70 16.88
N THR A 5 -24.87 -4.76 17.06
CA THR A 5 -26.29 -5.09 17.23
C THR A 5 -27.17 -4.70 16.05
N GLN A 6 -28.02 -5.63 15.62
CA GLN A 6 -29.04 -5.39 14.61
C GLN A 6 -30.42 -5.74 15.14
N PRO A 7 -31.49 -5.10 14.64
CA PRO A 7 -32.87 -5.50 14.79
C PRO A 7 -33.06 -6.91 14.23
N PRO A 8 -33.91 -7.73 14.84
CA PRO A 8 -34.20 -9.09 14.44
C PRO A 8 -34.95 -9.17 13.10
N SER A 9 -35.74 -8.13 12.78
CA SER A 9 -36.49 -8.14 11.53
C SER A 9 -37.02 -6.77 11.15
N VAL A 10 -37.27 -6.61 9.86
CA VAL A 10 -37.94 -5.45 9.29
C VAL A 10 -39.01 -5.90 8.30
N SER A 11 -40.18 -5.28 8.35
CA SER A 11 -41.26 -5.65 7.45
C SER A 11 -41.88 -4.43 6.78
N VAL A 12 -41.83 -4.41 5.45
CA VAL A 12 -42.38 -3.30 4.70
C VAL A 12 -43.29 -3.78 3.57
N SER A 13 -44.12 -2.88 3.07
CA SER A 13 -44.91 -3.17 1.88
C SER A 13 -44.04 -2.91 0.65
N PRO A 14 -44.30 -3.59 -0.46
CA PRO A 14 -43.61 -3.39 -1.72
C PRO A 14 -43.80 -1.95 -2.17
N GLY A 15 -42.70 -1.32 -2.57
CA GLY A 15 -42.73 0.07 -3.01
C GLY A 15 -42.31 1.02 -1.89
N GLN A 16 -42.25 0.52 -0.66
CA GLN A 16 -41.86 1.36 0.47
C GLN A 16 -40.36 1.31 0.69
N THR A 17 -39.89 2.12 1.64
CA THR A 17 -38.46 2.16 1.95
C THR A 17 -38.16 1.38 3.22
N ALA A 18 -37.23 0.42 3.11
CA ALA A 18 -36.81 -0.36 4.26
C ALA A 18 -35.61 0.29 4.92
N SER A 19 -35.54 0.22 6.24
CA SER A 19 -34.40 0.78 6.96
C SER A 19 -33.90 -0.16 8.04
N ILE A 20 -32.69 -0.67 7.86
CA ILE A 20 -32.09 -1.61 8.78
C ILE A 20 -30.90 -0.98 9.50
N THR A 21 -31.00 -0.88 10.82
CA THR A 21 -29.96 -0.23 11.60
C THR A 21 -28.89 -1.20 12.07
N CYS A 22 -27.75 -0.67 12.51
CA CYS A 22 -26.63 -1.44 13.03
C CYS A 22 -25.83 -0.61 14.04
N SER A 23 -25.91 -0.99 15.31
CA SER A 23 -25.31 -0.19 16.37
C SER A 23 -24.06 -0.84 16.95
N GLY A 24 -23.00 -0.04 17.11
CA GLY A 24 -21.77 -0.53 17.70
C GLY A 24 -21.21 0.49 18.67
N ASP A 25 -19.98 0.26 19.14
CA ASP A 25 -19.35 1.20 20.06
C ASP A 25 -18.48 2.21 19.34
N LYS A 26 -17.88 1.78 18.23
CA LYS A 26 -16.91 2.60 17.53
C LYS A 26 -17.16 2.69 16.03
N LEU A 27 -18.44 2.61 15.61
CA LEU A 27 -18.74 2.67 14.19
C LEU A 27 -18.51 4.07 13.64
N GLY A 28 -18.38 5.05 14.52
CA GLY A 28 -18.10 6.41 14.09
C GLY A 28 -16.62 6.61 13.78
N GLU A 29 -15.81 5.60 14.12
CA GLU A 29 -14.37 5.68 13.89
C GLU A 29 -13.92 4.75 12.76
N THR A 30 -14.61 3.63 12.60
CA THR A 30 -14.25 2.64 11.59
C THR A 30 -15.29 2.57 10.48
N TYR A 31 -15.06 1.69 9.52
CA TYR A 31 -15.98 1.53 8.40
C TYR A 31 -16.93 0.36 8.62
N ALA A 32 -18.17 0.53 8.18
CA ALA A 32 -19.16 -0.54 8.22
C ALA A 32 -19.43 -1.08 6.82
N SER A 33 -19.88 -2.32 6.75
CA SER A 33 -20.27 -2.93 5.48
C SER A 33 -21.51 -3.78 5.65
N TRP A 34 -22.21 -4.05 4.55
CA TRP A 34 -23.43 -4.82 4.59
C TRP A 34 -23.45 -5.94 3.56
N TYR A 35 -24.01 -7.09 3.95
CA TYR A 35 -24.15 -8.24 3.08
C TYR A 35 -25.59 -8.72 3.01
N GLN A 36 -26.00 -9.18 1.84
CA GLN A 36 -27.35 -9.70 1.65
C GLN A 36 -27.33 -11.20 1.39
N GLN A 37 -27.97 -11.96 2.26
CA GLN A 37 -27.98 -13.42 2.11
C GLN A 37 -29.35 -13.98 1.86
N LYS A 38 -29.51 -14.66 0.73
CA LYS A 38 -30.74 -15.35 0.41
C LYS A 38 -30.65 -16.77 0.96
N PRO A 39 -31.77 -17.41 1.28
CA PRO A 39 -31.84 -18.79 1.73
C PRO A 39 -31.15 -19.73 0.76
N GLY A 40 -30.24 -20.56 1.29
CA GLY A 40 -29.54 -21.55 0.49
C GLY A 40 -28.39 -20.98 -0.32
N GLN A 41 -28.07 -19.70 -0.12
CA GLN A 41 -27.02 -19.07 -0.91
C GLN A 41 -25.98 -18.35 -0.04
N SER A 42 -24.77 -18.21 -0.59
CA SER A 42 -23.73 -17.40 0.04
C SER A 42 -24.14 -15.93 0.00
N PRO A 43 -23.72 -15.14 0.99
CA PRO A 43 -23.97 -13.71 1.11
C PRO A 43 -23.26 -12.92 0.02
N ILE A 44 -23.89 -11.83 -0.41
CA ILE A 44 -23.35 -10.94 -1.43
C ILE A 44 -23.08 -9.55 -0.85
N LEU A 45 -21.90 -9.00 -1.10
CA LEU A 45 -21.59 -7.67 -0.62
C LEU A 45 -22.46 -6.64 -1.31
N VAL A 46 -23.14 -5.81 -0.51
CA VAL A 46 -24.03 -4.80 -1.06
C VAL A 46 -23.44 -3.41 -0.85
N ILE A 47 -22.95 -3.15 0.35
CA ILE A 47 -22.34 -1.86 0.68
C ILE A 47 -21.01 -2.05 1.40
N TYR A 48 -19.99 -1.32 0.98
CA TYR A 48 -18.72 -1.34 1.68
C TYR A 48 -18.24 0.07 1.97
N GLN A 49 -17.40 0.22 2.97
CA GLN A 49 -16.91 1.53 3.36
C GLN A 49 -18.05 2.52 3.54
N ASP A 50 -19.03 2.12 4.34
CA ASP A 50 -20.19 2.94 4.71
C ASP A 50 -21.22 3.14 3.61
N ASN A 51 -20.81 3.70 2.46
CA ASN A 51 -21.79 4.04 1.44
C ASN A 51 -21.37 3.76 -0.01
N LYS A 52 -20.48 2.80 -0.23
CA LYS A 52 -20.08 2.50 -1.61
C LYS A 52 -20.67 1.19 -2.09
N ARG A 53 -21.21 1.20 -3.30
CA ARG A 53 -21.74 -0.03 -3.90
C ARG A 53 -20.70 -0.70 -4.80
N PRO A 54 -20.60 -2.03 -4.76
CA PRO A 54 -19.97 -2.88 -5.75
C PRO A 54 -20.71 -2.82 -7.06
N SER A 55 -20.01 -3.02 -8.16
CA SER A 55 -20.67 -3.08 -9.45
C SER A 55 -21.68 -4.23 -9.47
N GLY A 56 -22.84 -3.97 -10.06
CA GLY A 56 -23.88 -5.00 -10.14
C GLY A 56 -24.97 -4.82 -9.08
N ILE A 57 -24.70 -3.99 -8.09
CA ILE A 57 -25.68 -3.72 -7.03
C ILE A 57 -26.62 -2.57 -7.43
N PRO A 58 -27.94 -2.81 -7.43
CA PRO A 58 -28.99 -1.86 -7.77
C PRO A 58 -28.89 -0.57 -6.95
N GLU A 59 -29.25 0.54 -7.59
CA GLU A 59 -29.19 1.87 -6.98
C GLU A 59 -30.18 2.01 -5.83
N ARG A 60 -31.03 1.00 -5.66
CA ARG A 60 -31.99 0.97 -4.56
C ARG A 60 -31.27 0.94 -3.22
N PHE A 61 -30.06 0.38 -3.22
CA PHE A 61 -29.30 0.18 -1.99
C PHE A 61 -28.39 1.36 -1.68
N SER A 62 -28.57 1.93 -0.49
CA SER A 62 -27.74 3.03 -0.01
C SER A 62 -27.54 2.88 1.48
N GLY A 63 -26.73 3.75 2.08
CA GLY A 63 -26.49 3.66 3.51
C GLY A 63 -25.63 4.81 4.03
N SER A 64 -25.40 4.80 5.33
CA SER A 64 -24.62 5.84 5.98
C SER A 64 -24.08 5.36 7.31
N ASN A 65 -23.20 6.16 7.91
CA ASN A 65 -22.60 5.81 9.19
C ASN A 65 -22.21 7.05 9.99
N SER A 66 -22.93 7.29 11.09
CA SER A 66 -22.67 8.45 11.94
C SER A 66 -23.10 8.18 13.38
N GLU A 67 -22.46 8.87 14.33
CA GLU A 67 -22.82 8.75 15.74
C GLU A 67 -22.85 7.28 16.19
N ASN A 68 -21.88 6.51 15.71
CA ASN A 68 -21.73 5.10 16.07
C ASN A 68 -22.90 4.22 15.62
N THR A 69 -23.71 4.72 14.69
CA THR A 69 -24.80 3.92 14.12
C THR A 69 -24.71 3.88 12.61
N ALA A 70 -24.78 2.69 12.05
CA ALA A 70 -24.76 2.51 10.61
C ALA A 70 -26.13 2.02 10.13
N THR A 71 -26.51 2.41 8.93
CA THR A 71 -27.79 1.96 8.40
C THR A 71 -27.70 1.53 6.94
N LEU A 72 -28.59 0.61 6.57
CA LEU A 72 -28.81 0.24 5.18
C LEU A 72 -30.24 0.59 4.80
N THR A 73 -30.37 1.29 3.68
CA THR A 73 -31.68 1.73 3.22
C THR A 73 -31.99 1.19 1.84
N ILE A 74 -33.20 0.67 1.67
CA ILE A 74 -33.63 0.19 0.36
C ILE A 74 -34.80 1.01 -0.14
N SER A 75 -34.57 1.81 -1.17
CA SER A 75 -35.61 2.68 -1.71
C SER A 75 -36.40 1.97 -2.80
N GLY A 76 -37.72 1.96 -2.67
CA GLY A 76 -38.55 1.26 -3.64
C GLY A 76 -38.38 -0.24 -3.49
N THR A 77 -38.41 -0.72 -2.24
CA THR A 77 -38.14 -2.11 -1.94
C THR A 77 -38.98 -3.04 -2.80
N GLN A 78 -38.32 -4.00 -3.42
CA GLN A 78 -38.99 -4.98 -4.27
C GLN A 78 -39.20 -6.28 -3.53
N THR A 79 -40.09 -7.12 -4.03
CA THR A 79 -40.34 -8.41 -3.40
C THR A 79 -39.16 -9.35 -3.60
N MET A 80 -38.25 -8.96 -4.49
CA MET A 80 -37.04 -9.74 -4.76
C MET A 80 -35.92 -9.35 -3.82
N ASP A 81 -36.17 -8.39 -2.94
CA ASP A 81 -35.16 -7.93 -1.99
C ASP A 81 -35.29 -8.65 -0.65
N GLU A 82 -36.20 -9.62 -0.58
CA GLU A 82 -36.35 -10.40 0.64
C GLU A 82 -35.08 -11.20 0.92
N ALA A 83 -34.51 -10.99 2.09
CA ALA A 83 -33.23 -11.62 2.44
C ALA A 83 -32.86 -11.33 3.88
N ASP A 84 -31.86 -12.05 4.38
CA ASP A 84 -31.27 -11.74 5.67
C ASP A 84 -30.08 -10.81 5.50
N TYR A 85 -30.18 -9.61 6.06
CA TYR A 85 -29.13 -8.62 5.89
C TYR A 85 -28.21 -8.58 7.11
N TYR A 86 -26.91 -8.58 6.87
CA TYR A 86 -25.94 -8.55 7.95
C TYR A 86 -25.04 -7.33 7.83
N CYS A 87 -24.67 -6.75 8.97
CA CYS A 87 -23.68 -5.68 9.01
C CYS A 87 -22.37 -6.18 9.61
N GLN A 88 -21.28 -5.58 9.18
CA GLN A 88 -19.96 -5.92 9.70
C GLN A 88 -19.13 -4.67 9.95
N ALA A 89 -18.29 -4.73 10.97
CA ALA A 89 -17.35 -3.66 11.21
C ALA A 89 -16.06 -4.20 11.81
N TRP A 90 -14.95 -3.60 11.45
CA TRP A 90 -13.66 -4.01 11.98
C TRP A 90 -13.10 -3.01 12.98
N ASP A 91 -12.86 -3.49 14.21
CA ASP A 91 -12.23 -2.60 15.22
C ASP A 91 -10.75 -2.96 15.30
N LYS A 92 -9.91 -2.29 14.50
CA LYS A 92 -8.44 -2.54 14.54
C LYS A 92 -8.14 -4.03 14.36
N THR A 93 -8.73 -4.67 13.34
CA THR A 93 -8.47 -6.10 13.02
C THR A 93 -9.35 -7.04 13.88
N ILE A 94 -10.24 -6.49 14.70
CA ILE A 94 -11.19 -7.36 15.46
C ILE A 94 -12.50 -7.39 14.68
N ALA A 95 -12.87 -8.55 14.11
CA ALA A 95 -14.07 -8.70 13.31
C ALA A 95 -15.31 -8.75 14.17
N GLY A 96 -16.46 -8.56 13.53
CA GLY A 96 -17.75 -8.71 14.20
C GLY A 96 -18.91 -8.53 13.22
N PHE A 97 -19.83 -9.48 13.23
CA PHE A 97 -21.05 -9.40 12.45
C PHE A 97 -22.24 -9.21 13.39
N GLY A 98 -23.27 -8.56 12.91
CA GLY A 98 -24.50 -8.42 13.69
C GLY A 98 -25.30 -9.72 13.65
N GLY A 99 -26.38 -9.77 14.43
CA GLY A 99 -27.21 -10.97 14.51
C GLY A 99 -27.92 -11.28 13.20
N GLY A 100 -28.11 -10.26 12.38
CA GLY A 100 -28.79 -10.41 11.10
C GLY A 100 -30.23 -9.95 11.18
N THR A 101 -30.67 -9.22 10.17
CA THR A 101 -32.02 -8.70 10.13
C THR A 101 -32.81 -9.36 9.02
N LYS A 102 -33.91 -10.02 9.37
CA LYS A 102 -34.74 -10.65 8.33
C LYS A 102 -35.68 -9.61 7.72
N LEU A 103 -35.49 -9.28 6.45
CA LEU A 103 -36.32 -8.31 5.76
C LEU A 103 -37.36 -8.98 4.90
N THR A 104 -38.62 -8.72 5.19
CA THR A 104 -39.71 -9.27 4.41
C THR A 104 -40.42 -8.13 3.69
N VAL A 105 -41.14 -8.47 2.60
CA VAL A 105 -41.80 -7.47 1.76
C VAL A 105 -43.21 -7.93 1.41
N GLN B 1 -12.35 -13.81 -14.00
CA GLN B 1 -13.01 -13.32 -12.78
C GLN B 1 -12.38 -13.98 -11.54
N ILE B 2 -12.87 -13.60 -10.36
CA ILE B 2 -12.38 -14.13 -9.09
C ILE B 2 -13.37 -15.12 -8.50
N THR B 3 -12.88 -16.30 -8.14
CA THR B 3 -13.71 -17.33 -7.55
C THR B 3 -12.95 -18.12 -6.49
N LEU B 4 -13.69 -18.62 -5.50
CA LEU B 4 -13.13 -19.43 -4.44
C LEU B 4 -13.94 -20.70 -4.19
N LYS B 5 -13.23 -21.83 -3.95
CA LYS B 5 -13.93 -23.13 -3.77
C LYS B 5 -13.50 -23.85 -2.49
N GLU B 6 -14.42 -24.07 -1.56
CA GLU B 6 -14.17 -24.78 -0.32
C GLU B 6 -14.22 -26.29 -0.53
N SER B 7 -13.31 -27.02 0.10
CA SER B 7 -13.37 -28.47 0.11
C SER B 7 -12.79 -29.04 1.41
N GLY B 8 -13.18 -30.27 1.72
CA GLY B 8 -12.70 -30.94 2.91
C GLY B 8 -13.81 -31.79 3.52
N PRO B 9 -13.54 -32.46 4.65
CA PRO B 9 -14.42 -33.35 5.37
C PRO B 9 -15.72 -32.65 5.74
N THR B 10 -16.83 -33.36 5.60
CA THR B 10 -18.14 -32.81 5.94
C THR B 10 -18.65 -33.43 7.23
N LEU B 11 -17.83 -34.28 7.82
CA LEU B 11 -18.16 -34.91 9.09
C LEU B 11 -16.91 -35.26 9.87
N VAL B 12 -16.85 -34.75 11.09
CA VAL B 12 -15.77 -35.09 12.01
C VAL B 12 -16.35 -35.45 13.37
N LYS B 13 -15.61 -36.21 14.15
CA LYS B 13 -16.07 -36.56 15.48
C LYS B 13 -15.56 -35.54 16.49
N PRO B 14 -16.17 -35.45 17.67
CA PRO B 14 -15.75 -34.65 18.79
C PRO B 14 -14.29 -34.94 19.11
N THR B 15 -13.56 -33.87 19.43
CA THR B 15 -12.13 -33.86 19.78
C THR B 15 -11.22 -34.12 18.59
N GLN B 16 -11.78 -34.33 17.41
CA GLN B 16 -10.95 -34.50 16.21
C GLN B 16 -10.62 -33.15 15.60
N THR B 17 -9.59 -33.15 14.74
CA THR B 17 -9.16 -31.92 14.08
C THR B 17 -9.68 -31.85 12.65
N LEU B 18 -10.25 -30.71 12.30
CA LEU B 18 -10.80 -30.48 10.97
C LEU B 18 -9.84 -29.67 10.11
N THR B 19 -9.63 -30.11 8.89
CA THR B 19 -8.83 -29.34 7.94
C THR B 19 -9.67 -28.95 6.73
N LEU B 20 -9.75 -27.65 6.46
CA LEU B 20 -10.48 -27.15 5.31
C LEU B 20 -9.55 -26.45 4.33
N THR B 21 -9.73 -26.74 3.05
CA THR B 21 -8.90 -26.14 2.02
C THR B 21 -9.73 -25.25 1.09
N CYS B 22 -9.26 -24.02 0.87
CA CYS B 22 -9.88 -23.08 -0.05
C CYS B 22 -9.05 -22.97 -1.33
N LYS B 23 -9.61 -23.47 -2.42
CA LYS B 23 -8.94 -23.41 -3.71
C LYS B 23 -9.41 -22.17 -4.45
N LEU B 24 -8.49 -21.30 -4.79
CA LEU B 24 -8.87 -20.03 -5.40
C LEU B 24 -8.32 -19.85 -6.81
N SER B 25 -9.02 -19.05 -7.58
CA SER B 25 -8.61 -18.72 -8.94
C SER B 25 -8.96 -17.29 -9.30
N GLY B 26 -8.20 -16.71 -10.22
CA GLY B 26 -8.40 -15.33 -10.64
C GLY B 26 -7.37 -14.42 -9.97
N PHE B 27 -6.72 -14.94 -8.94
CA PHE B 27 -5.68 -14.21 -8.22
C PHE B 27 -4.74 -15.20 -7.56
N SER B 28 -3.56 -14.72 -7.17
CA SER B 28 -2.61 -15.59 -6.48
C SER B 28 -2.44 -15.18 -5.03
N VAL B 29 -2.15 -16.15 -4.19
CA VAL B 29 -1.95 -15.90 -2.76
C VAL B 29 -0.66 -15.13 -2.51
N ASN B 30 0.19 -15.04 -3.53
CA ASN B 30 1.49 -14.38 -3.41
C ASN B 30 1.43 -12.94 -3.90
N THR B 31 0.24 -12.48 -4.29
CA THR B 31 0.08 -11.15 -4.84
C THR B 31 -0.20 -10.11 -3.76
N GLY B 32 0.50 -8.99 -3.83
CA GLY B 32 0.34 -7.93 -2.84
C GLY B 32 -1.09 -7.42 -2.80
N GLY B 33 -1.60 -7.19 -1.60
CA GLY B 33 -2.95 -6.69 -1.41
C GLY B 33 -3.97 -7.81 -1.24
N VAL B 34 -3.53 -9.05 -1.46
CA VAL B 34 -4.42 -10.21 -1.34
C VAL B 34 -4.50 -10.76 0.07
N GLY B 35 -5.71 -11.07 0.48
CA GLY B 35 -5.95 -11.75 1.75
C GLY B 35 -7.14 -12.70 1.60
N VAL B 36 -7.12 -13.79 2.37
CA VAL B 36 -8.23 -14.73 2.35
C VAL B 36 -8.69 -15.06 3.76
N GLY B 37 -9.98 -14.86 4.02
CA GLY B 37 -10.53 -15.09 5.35
C GLY B 37 -11.48 -16.28 5.39
N TRP B 38 -11.63 -16.84 6.58
CA TRP B 38 -12.59 -17.91 6.83
C TRP B 38 -13.68 -17.45 7.78
N ILE B 39 -14.92 -17.77 7.41
CA ILE B 39 -16.11 -17.42 8.17
C ILE B 39 -17.01 -18.64 8.33
N ARG B 40 -17.63 -18.79 9.49
CA ARG B 40 -18.55 -19.90 9.68
C ARG B 40 -19.95 -19.41 10.01
N GLN B 41 -20.95 -20.20 9.63
CA GLN B 41 -22.34 -19.87 9.92
C GLN B 41 -23.14 -21.09 10.33
N PRO B 42 -23.37 -21.27 11.64
CA PRO B 42 -24.21 -22.31 12.21
C PRO B 42 -25.61 -22.15 11.64
N PRO B 43 -26.37 -23.24 11.50
CA PRO B 43 -27.72 -23.25 10.98
C PRO B 43 -28.63 -22.27 11.73
N GLY B 44 -29.21 -21.33 11.00
CA GLY B 44 -30.15 -20.37 11.58
C GLY B 44 -29.47 -19.26 12.36
N LYS B 45 -28.16 -19.18 12.27
CA LYS B 45 -27.47 -18.18 13.10
C LYS B 45 -26.71 -17.18 12.24
N ALA B 46 -26.08 -16.21 12.89
CA ALA B 46 -25.31 -15.16 12.22
C ALA B 46 -23.91 -15.64 11.88
N LEU B 47 -23.26 -14.90 11.00
CA LEU B 47 -21.90 -15.22 10.56
C LEU B 47 -20.88 -14.91 11.64
N GLU B 48 -19.88 -15.78 11.78
CA GLU B 48 -18.78 -15.55 12.70
C GLU B 48 -17.44 -15.64 12.00
N TRP B 49 -16.63 -14.57 12.11
CA TRP B 49 -15.32 -14.58 11.49
C TRP B 49 -14.32 -15.37 12.31
N LEU B 50 -13.52 -16.18 11.65
CA LEU B 50 -12.56 -17.02 12.34
C LEU B 50 -11.14 -16.47 12.22
N ALA B 51 -10.65 -16.34 11.00
CA ALA B 51 -9.27 -15.93 10.76
C ALA B 51 -9.04 -15.51 9.33
N LEU B 52 -7.99 -14.73 9.07
CA LEU B 52 -7.57 -14.46 7.70
C LEU B 52 -6.06 -14.38 7.59
N ILE B 53 -5.56 -14.76 6.41
CA ILE B 53 -4.13 -14.72 6.12
C ILE B 53 -3.81 -13.73 5.01
N TYR B 54 -2.73 -12.96 5.20
CA TYR B 54 -2.28 -11.99 4.22
C TYR B 54 -1.23 -12.59 3.29
N TRP B 55 -1.06 -11.97 2.12
CA TRP B 55 -0.04 -12.37 1.15
C TRP B 55 1.35 -12.43 1.77
N ASN B 56 1.57 -11.69 2.85
CA ASN B 56 2.87 -11.62 3.49
C ASN B 56 2.98 -12.52 4.72
N ASP B 57 2.06 -13.48 4.82
CA ASP B 57 2.04 -14.47 5.88
C ASP B 57 1.71 -13.89 7.25
N ASP B 58 1.30 -12.63 7.30
CA ASP B 58 0.75 -12.10 8.54
C ASP B 58 -0.64 -12.69 8.73
N LYS B 59 -1.07 -12.84 9.98
CA LYS B 59 -2.33 -13.52 10.24
C LYS B 59 -3.14 -12.89 11.35
N LEU B 60 -4.46 -12.91 11.18
CA LEU B 60 -5.38 -12.42 12.19
C LEU B 60 -6.32 -13.54 12.63
N TYR B 61 -6.57 -13.62 13.94
CA TYR B 61 -7.48 -14.62 14.48
C TYR B 61 -8.48 -13.99 15.44
N SER B 62 -9.67 -14.57 15.52
CA SER B 62 -10.65 -14.18 16.52
C SER B 62 -10.16 -14.61 17.91
N PRO B 63 -9.98 -13.68 18.86
CA PRO B 63 -9.47 -13.89 20.20
C PRO B 63 -10.12 -15.05 20.94
N SER B 64 -11.42 -15.24 20.73
CA SER B 64 -12.16 -16.29 21.44
C SER B 64 -11.89 -17.68 20.87
N LEU B 65 -11.39 -17.75 19.65
CA LEU B 65 -11.15 -19.03 18.99
C LEU B 65 -9.68 -19.23 18.65
N LYS B 66 -8.88 -18.19 18.83
CA LYS B 66 -7.48 -18.20 18.43
C LYS B 66 -6.74 -19.46 18.87
N SER B 67 -7.01 -19.92 20.08
CA SER B 67 -6.28 -21.05 20.65
C SER B 67 -6.49 -22.35 19.90
N ARG B 68 -7.52 -22.41 19.07
CA ARG B 68 -7.84 -23.63 18.33
C ARG B 68 -7.64 -23.47 16.82
N LEU B 69 -7.18 -22.31 16.38
CA LEU B 69 -7.11 -22.03 14.94
C LEU B 69 -5.69 -21.82 14.42
N THR B 70 -5.38 -22.49 13.32
CA THR B 70 -4.12 -22.29 12.60
C THR B 70 -4.38 -22.09 11.11
N VAL B 71 -3.78 -21.07 10.51
CA VAL B 71 -3.97 -20.82 9.09
C VAL B 71 -2.63 -20.73 8.35
N THR B 72 -2.53 -21.45 7.24
CA THR B 72 -1.35 -21.43 6.40
C THR B 72 -1.75 -21.31 4.93
N LYS B 73 -0.80 -21.00 4.06
CA LYS B 73 -1.10 -20.95 2.64
C LYS B 73 -0.06 -21.69 1.81
N ASP B 74 -0.53 -22.36 0.76
CA ASP B 74 0.32 -23.05 -0.19
C ASP B 74 0.63 -22.14 -1.37
N THR B 75 1.88 -21.71 -1.45
CA THR B 75 2.30 -20.69 -2.41
C THR B 75 2.44 -21.24 -3.83
N SER B 76 2.37 -22.56 -3.98
CA SER B 76 2.50 -23.18 -5.29
C SER B 76 1.15 -23.56 -5.87
N LYS B 77 0.24 -24.00 -5.00
CA LYS B 77 -1.08 -24.46 -5.44
C LYS B 77 -2.14 -23.36 -5.38
N ASN B 78 -1.78 -22.20 -4.83
CA ASN B 78 -2.75 -21.14 -4.60
C ASN B 78 -3.92 -21.65 -3.77
N GLN B 79 -3.60 -22.19 -2.60
CA GLN B 79 -4.61 -22.70 -1.69
C GLN B 79 -4.40 -22.17 -0.28
N VAL B 80 -5.49 -21.93 0.42
CA VAL B 80 -5.42 -21.51 1.82
C VAL B 80 -6.03 -22.57 2.71
N VAL B 81 -5.29 -22.98 3.74
CA VAL B 81 -5.74 -24.07 4.59
C VAL B 81 -6.00 -23.65 6.02
N LEU B 82 -7.18 -23.97 6.50
CA LEU B 82 -7.58 -23.70 7.88
C LEU B 82 -7.63 -24.98 8.70
N THR B 83 -6.92 -24.99 9.81
CA THR B 83 -6.97 -26.11 10.73
C THR B 83 -7.66 -25.70 12.02
N MET B 84 -8.72 -26.41 12.36
CA MET B 84 -9.46 -26.13 13.58
C MET B 84 -9.52 -27.37 14.45
N THR B 85 -8.90 -27.31 15.62
CA THR B 85 -8.75 -28.50 16.45
C THR B 85 -9.75 -28.56 17.58
N ASN B 86 -9.79 -29.69 18.26
CA ASN B 86 -10.62 -29.88 19.45
C ASN B 86 -12.05 -29.39 19.23
N MET B 87 -12.68 -29.86 18.15
CA MET B 87 -14.05 -29.42 17.85
C MET B 87 -15.09 -30.15 18.69
N ASP B 88 -16.14 -29.41 19.06
CA ASP B 88 -17.29 -29.92 19.78
C ASP B 88 -18.51 -29.87 18.87
N PRO B 89 -19.59 -30.60 19.18
CA PRO B 89 -20.86 -30.61 18.48
C PRO B 89 -21.40 -29.20 18.23
N VAL B 90 -21.08 -28.27 19.12
CA VAL B 90 -21.55 -26.89 19.01
C VAL B 90 -20.87 -26.13 17.88
N ASP B 91 -19.82 -26.71 17.30
CA ASP B 91 -19.05 -26.07 16.24
C ASP B 91 -19.59 -26.43 14.85
N THR B 92 -20.73 -27.10 14.82
CA THR B 92 -21.37 -27.42 13.54
C THR B 92 -21.75 -26.14 12.82
N ALA B 93 -21.34 -26.02 11.56
CA ALA B 93 -21.60 -24.80 10.80
C ALA B 93 -21.28 -24.96 9.33
N THR B 94 -21.76 -24.02 8.53
CA THR B 94 -21.32 -23.91 7.14
C THR B 94 -20.10 -23.02 7.09
N TYR B 95 -19.04 -23.51 6.46
CA TYR B 95 -17.80 -22.76 6.40
C TYR B 95 -17.59 -22.15 5.02
N TYR B 96 -17.17 -20.89 5.01
CA TYR B 96 -16.90 -20.15 3.78
C TYR B 96 -15.48 -19.61 3.78
N CYS B 97 -14.90 -19.47 2.59
CA CYS B 97 -13.70 -18.66 2.41
C CYS B 97 -14.03 -17.51 1.46
N ALA B 98 -13.38 -16.38 1.66
CA ALA B 98 -13.68 -15.20 0.84
C ALA B 98 -12.48 -14.28 0.70
N HIS B 99 -12.47 -13.52 -0.38
CA HIS B 99 -11.41 -12.55 -0.66
C HIS B 99 -11.54 -11.34 0.26
N VAL B 100 -10.41 -10.84 0.73
CA VAL B 100 -10.39 -9.70 1.65
C VAL B 100 -9.76 -8.47 1.03
N LEU B 101 -10.48 -7.35 1.06
CA LEU B 101 -9.94 -6.07 0.63
C LEU B 101 -9.07 -5.50 1.76
N VAL B 102 -7.89 -5.01 1.41
CA VAL B 102 -6.91 -4.63 2.44
C VAL B 102 -6.43 -3.18 2.33
N TRP B 103 -6.41 -2.50 3.47
CA TRP B 103 -5.85 -1.14 3.61
C TRP B 103 -4.33 -1.23 3.78
N PHE B 104 -3.60 -0.26 3.25
CA PHE B 104 -2.14 -0.28 3.30
C PHE B 104 -1.56 0.78 4.22
N GLY B 105 -0.27 0.64 4.52
CA GLY B 105 0.43 1.52 5.46
C GLY B 105 0.33 0.92 6.85
N GLU B 106 -0.74 1.25 7.56
CA GLU B 106 -1.17 0.43 8.67
C GLU B 106 -2.15 -0.59 8.11
N VAL B 107 -1.70 -1.84 8.03
CA VAL B 107 -2.48 -2.84 7.31
C VAL B 107 -3.68 -3.31 8.10
N LEU B 108 -4.85 -3.14 7.49
CA LEU B 108 -6.11 -3.50 8.10
C LEU B 108 -7.02 -4.18 7.07
N PRO B 109 -7.87 -5.09 7.50
CA PRO B 109 -8.93 -5.72 6.73
C PRO B 109 -10.05 -4.71 6.48
N ASP B 110 -10.73 -4.84 5.35
CA ASP B 110 -11.81 -3.92 5.00
C ASP B 110 -13.15 -4.64 4.83
N ALA B 111 -13.31 -5.36 3.72
CA ALA B 111 -14.59 -6.02 3.43
C ALA B 111 -14.39 -7.25 2.56
N PHE B 112 -15.39 -8.12 2.56
CA PHE B 112 -15.35 -9.36 1.77
C PHE B 112 -16.20 -9.23 0.51
N ASP B 113 -15.56 -9.10 -0.65
CA ASP B 113 -16.30 -8.90 -1.89
C ASP B 113 -16.71 -10.21 -2.56
N VAL B 114 -15.75 -11.10 -2.78
CA VAL B 114 -16.04 -12.36 -3.46
C VAL B 114 -16.04 -13.53 -2.48
N TRP B 115 -17.17 -14.21 -2.40
CA TRP B 115 -17.35 -15.34 -1.49
C TRP B 115 -17.41 -16.65 -2.25
N GLY B 116 -16.96 -17.72 -1.62
CA GLY B 116 -17.10 -19.05 -2.21
C GLY B 116 -18.50 -19.60 -1.96
N GLN B 117 -18.74 -20.84 -2.37
CA GLN B 117 -20.05 -21.48 -2.23
C GLN B 117 -20.29 -21.93 -0.79
N GLY B 118 -19.22 -22.34 -0.12
CA GLY B 118 -19.29 -22.79 1.26
C GLY B 118 -19.47 -24.31 1.33
N THR B 119 -19.04 -24.88 2.45
CA THR B 119 -19.20 -26.32 2.67
C THR B 119 -19.73 -26.58 4.08
N MET B 120 -20.64 -27.53 4.20
CA MET B 120 -21.24 -27.83 5.49
C MET B 120 -20.44 -28.87 6.26
N VAL B 121 -20.11 -28.57 7.51
CA VAL B 121 -19.39 -29.53 8.33
C VAL B 121 -20.15 -29.84 9.61
N THR B 122 -20.41 -31.12 9.84
CA THR B 122 -21.11 -31.58 11.03
C THR B 122 -20.15 -32.20 12.03
N VAL B 123 -20.34 -31.87 13.30
CA VAL B 123 -19.54 -32.51 14.35
C VAL B 123 -20.45 -33.42 15.18
N SER B 124 -20.19 -34.72 15.11
CA SER B 124 -21.04 -35.69 15.79
C SER B 124 -20.35 -37.04 15.93
N SER B 125 -20.90 -37.92 16.77
CA SER B 125 -20.38 -39.28 16.97
C SER B 125 -21.10 -40.26 16.05
N GLN C 14 -7.53 8.82 -18.22
CA GLN C 14 -7.41 8.82 -16.74
C GLN C 14 -6.65 10.09 -16.32
N CYS C 15 -6.27 10.95 -17.26
CA CYS C 15 -5.47 12.12 -16.94
C CYS C 15 -6.35 13.26 -16.42
N VAL C 16 -5.91 13.88 -15.33
CA VAL C 16 -6.62 15.00 -14.74
C VAL C 16 -5.87 16.32 -14.95
N ASN C 17 -6.49 17.25 -15.67
CA ASN C 17 -5.87 18.54 -15.97
C ASN C 17 -6.16 19.55 -14.86
N LEU C 18 -5.56 19.30 -13.69
CA LEU C 18 -5.70 20.18 -12.52
C LEU C 18 -4.48 21.06 -12.37
N THR C 19 -4.56 22.28 -12.90
CA THR C 19 -3.43 23.19 -12.90
C THR C 19 -3.82 24.56 -12.36
N THR C 20 -2.81 25.37 -11.99
CA THR C 20 -3.02 26.73 -11.49
C THR C 20 -2.08 27.69 -12.20
N PRO C 26 11.18 29.02 -6.82
CA PRO C 26 11.31 28.12 -5.69
C PRO C 26 12.19 28.72 -4.59
N ALA C 27 12.31 28.00 -3.47
CA ALA C 27 13.14 28.39 -2.34
C ALA C 27 14.49 27.70 -2.45
N TYR C 28 15.48 28.17 -1.70
CA TYR C 28 16.78 27.51 -1.69
C TYR C 28 17.29 27.27 -0.28
N THR C 29 18.02 26.18 -0.10
CA THR C 29 18.63 25.89 1.19
C THR C 29 20.11 25.60 1.06
N ASN C 30 20.78 25.51 2.21
CA ASN C 30 22.21 25.25 2.26
C ASN C 30 22.52 23.80 2.58
N SER C 31 22.98 23.06 1.59
CA SER C 31 23.37 21.67 1.81
C SER C 31 24.83 21.63 2.20
N PHE C 32 25.07 21.47 3.49
CA PHE C 32 26.40 21.68 4.04
C PHE C 32 27.40 20.64 3.58
N THR C 33 27.26 19.41 4.05
CA THR C 33 28.20 18.36 3.70
C THR C 33 27.49 17.06 3.35
N ARG C 34 26.66 17.10 2.31
CA ARG C 34 25.84 15.93 1.98
C ARG C 34 25.91 15.60 0.50
N GLY C 35 25.40 14.42 0.14
CA GLY C 35 25.36 14.00 -1.25
C GLY C 35 26.54 13.09 -1.60
N VAL C 36 27.30 12.70 -0.59
CA VAL C 36 28.42 11.80 -0.76
C VAL C 36 27.98 10.35 -0.69
N TYR C 37 28.45 9.55 -1.63
CA TYR C 37 28.12 8.15 -1.72
C TYR C 37 29.38 7.33 -1.92
N TYR C 38 29.31 6.04 -1.62
CA TYR C 38 30.45 5.16 -1.85
C TYR C 38 30.69 5.03 -3.36
N PRO C 39 31.82 5.57 -3.86
CA PRO C 39 32.13 5.74 -5.27
C PRO C 39 32.24 4.43 -6.01
N ASP C 40 32.55 3.35 -5.30
CA ASP C 40 32.67 2.03 -5.90
C ASP C 40 32.31 0.95 -4.90
N LYS C 41 32.61 -0.30 -5.25
CA LYS C 41 32.23 -1.44 -4.43
C LYS C 41 33.44 -2.09 -3.77
N VAL C 42 34.52 -1.33 -3.65
CA VAL C 42 35.74 -1.83 -3.03
C VAL C 42 35.77 -1.51 -1.53
N PHE C 43 36.02 -2.51 -0.71
CA PHE C 43 36.07 -2.30 0.73
C PHE C 43 37.35 -1.58 1.14
N ARG C 44 37.20 -0.55 1.96
CA ARG C 44 38.32 0.18 2.51
C ARG C 44 38.06 0.47 3.97
N SER C 45 39.11 0.51 4.78
CA SER C 45 38.95 0.84 6.19
C SER C 45 40.19 1.53 6.75
N SER C 46 39.99 2.31 7.81
CA SER C 46 41.09 3.00 8.49
C SER C 46 42.01 3.70 7.51
N VAL C 47 41.43 4.48 6.60
CA VAL C 47 42.21 5.10 5.54
C VAL C 47 41.58 6.38 5.03
N LEU C 48 42.43 7.32 4.62
CA LEU C 48 41.99 8.51 3.92
C LEU C 48 42.21 8.32 2.43
N HIS C 49 41.11 8.21 1.68
CA HIS C 49 41.19 7.88 0.26
C HIS C 49 40.75 9.04 -0.62
N SER C 50 41.58 9.38 -1.59
CA SER C 50 41.27 10.46 -2.53
C SER C 50 40.62 9.90 -3.79
N THR C 51 39.44 10.43 -4.12
CA THR C 51 38.69 9.97 -5.28
C THR C 51 38.15 11.13 -6.11
N GLN C 52 37.90 10.86 -7.39
CA GLN C 52 37.32 11.87 -8.27
C GLN C 52 36.06 11.32 -8.93
N ASP C 53 34.94 11.98 -8.69
CA ASP C 53 33.65 11.51 -9.22
C ASP C 53 32.61 12.62 -9.15
N LEU C 54 31.40 12.31 -9.60
CA LEU C 54 30.31 13.27 -9.55
C LEU C 54 29.64 13.30 -8.19
N PHE C 55 29.86 14.38 -7.45
CA PHE C 55 29.32 14.52 -6.11
C PHE C 55 28.60 15.86 -5.96
N LEU C 56 27.68 15.94 -5.02
CA LEU C 56 27.06 17.22 -4.71
C LEU C 56 28.11 18.12 -4.05
N PRO C 57 28.36 19.32 -4.57
CA PRO C 57 29.25 20.32 -4.01
C PRO C 57 28.84 20.65 -2.58
N PHE C 58 29.82 20.86 -1.72
CA PHE C 58 29.51 21.19 -0.32
C PHE C 58 29.10 22.65 -0.17
N PHE C 59 28.17 22.89 0.74
CA PHE C 59 27.65 24.23 1.02
C PHE C 59 27.05 24.86 -0.23
N SER C 60 26.29 24.07 -0.97
CA SER C 60 25.66 24.51 -2.21
C SER C 60 24.21 24.96 -2.01
N ASN C 61 23.67 25.66 -3.02
CA ASN C 61 22.27 26.10 -3.04
C ASN C 61 21.40 25.04 -3.69
N VAL C 62 20.64 24.31 -2.85
CA VAL C 62 19.76 23.22 -3.29
C VAL C 62 18.32 23.71 -3.39
N THR C 63 17.68 23.40 -4.51
CA THR C 63 16.35 23.93 -4.77
C THR C 63 15.31 23.23 -3.89
N TRP C 64 14.50 24.03 -3.21
CA TRP C 64 13.51 23.55 -2.25
C TRP C 64 12.08 23.72 -2.75
N PHE C 65 11.40 22.59 -2.94
CA PHE C 65 10.02 22.57 -3.40
C PHE C 65 9.09 22.05 -2.32
N HIS C 66 7.85 22.52 -2.30
CA HIS C 66 6.86 22.01 -1.37
C HIS C 66 5.86 21.11 -2.08
N ALA C 67 5.29 20.15 -1.34
CA ALA C 67 4.27 19.23 -1.85
C ALA C 67 3.02 19.32 -0.99
N ARG C 78 -2.36 22.25 -2.49
CA ARG C 78 -1.15 22.93 -2.95
C ARG C 78 0.03 21.96 -3.01
N PHE C 79 0.64 21.83 -4.20
CA PHE C 79 1.85 21.04 -4.39
C PHE C 79 2.61 21.51 -5.63
N ASP C 80 3.93 21.41 -5.57
CA ASP C 80 4.78 21.72 -6.71
C ASP C 80 5.44 20.47 -7.26
N ASN C 81 5.11 20.13 -8.50
CA ASN C 81 5.68 18.95 -9.14
C ASN C 81 6.09 19.21 -10.60
N PRO C 82 6.95 20.22 -10.84
CA PRO C 82 7.42 20.67 -12.13
C PRO C 82 8.42 19.69 -12.72
N VAL C 83 8.68 19.83 -14.02
CA VAL C 83 9.73 19.05 -14.66
C VAL C 83 11.06 19.77 -14.51
N LEU C 84 12.04 19.05 -13.97
CA LEU C 84 13.34 19.62 -13.69
C LEU C 84 14.39 18.98 -14.59
N PRO C 85 15.49 19.68 -14.88
CA PRO C 85 16.62 19.18 -15.64
C PRO C 85 17.36 18.10 -14.85
N PHE C 86 17.96 17.17 -15.58
CA PHE C 86 18.74 16.10 -14.97
C PHE C 86 20.22 16.46 -14.95
N ASN C 87 20.65 17.23 -15.95
CA ASN C 87 22.04 17.61 -16.12
C ASN C 87 22.97 16.40 -16.14
N ASP C 88 23.97 16.40 -15.27
CA ASP C 88 24.96 15.32 -15.24
C ASP C 88 24.70 14.33 -14.12
N GLY C 89 23.57 14.47 -13.46
CA GLY C 89 23.22 13.63 -12.33
C GLY C 89 22.45 14.43 -11.30
N VAL C 90 21.57 13.75 -10.57
CA VAL C 90 20.67 14.45 -9.65
C VAL C 90 20.76 13.98 -8.22
N TYR C 91 20.87 14.94 -7.31
CA TYR C 91 20.72 14.68 -5.89
C TYR C 91 19.30 15.00 -5.48
N PHE C 92 18.60 14.00 -4.97
CA PHE C 92 17.20 14.19 -4.59
C PHE C 92 16.98 13.80 -3.14
N ALA C 93 16.26 14.64 -2.42
CA ALA C 93 15.98 14.33 -1.03
C ALA C 93 14.56 14.71 -0.69
N SER C 94 13.95 13.97 0.22
CA SER C 94 12.60 14.32 0.66
C SER C 94 12.42 14.15 2.15
N ILE C 95 11.58 15.01 2.72
CA ILE C 95 11.20 14.92 4.11
C ILE C 95 9.68 14.85 4.22
N GLU C 96 9.18 13.76 4.78
CA GLU C 96 7.75 13.56 4.88
C GLU C 96 7.37 12.58 5.98
N LYS C 97 6.11 12.62 6.38
CA LYS C 97 5.59 11.69 7.38
C LYS C 97 4.58 10.72 6.78
N SER C 98 3.85 11.16 5.76
CA SER C 98 2.71 10.40 5.24
C SER C 98 2.99 9.69 3.92
N ASN C 99 4.25 9.65 3.49
CA ASN C 99 4.62 8.96 2.26
C ASN C 99 3.85 9.47 1.04
N ILE C 100 4.03 10.75 0.74
CA ILE C 100 3.37 11.38 -0.40
C ILE C 100 4.18 11.19 -1.67
N ILE C 101 5.51 11.28 -1.56
CA ILE C 101 6.36 11.10 -2.73
C ILE C 101 6.59 9.63 -2.99
N ARG C 102 6.13 9.16 -4.15
CA ARG C 102 6.14 7.74 -4.45
C ARG C 102 7.18 7.35 -5.48
N GLY C 103 7.52 8.27 -6.38
CA GLY C 103 8.42 7.87 -7.46
C GLY C 103 8.84 9.01 -8.36
N TRP C 104 9.50 8.65 -9.44
CA TRP C 104 10.04 9.62 -10.38
C TRP C 104 9.87 9.18 -11.82
N ILE C 105 9.83 10.14 -12.72
CA ILE C 105 9.89 9.87 -14.15
C ILE C 105 11.16 10.46 -14.74
N PHE C 106 11.93 9.64 -15.45
CA PHE C 106 13.16 10.13 -16.09
C PHE C 106 13.08 9.95 -17.59
N GLY C 107 13.54 10.95 -18.34
CA GLY C 107 13.55 10.84 -19.80
C GLY C 107 13.87 12.16 -20.46
N THR C 108 13.42 12.32 -21.71
CA THR C 108 13.68 13.51 -22.49
C THR C 108 12.38 14.26 -22.79
N THR C 109 11.66 13.79 -23.80
CA THR C 109 10.41 14.42 -24.20
C THR C 109 9.25 13.98 -23.31
N LEU C 110 9.46 12.87 -22.59
CA LEU C 110 8.47 12.37 -21.64
C LEU C 110 7.11 12.13 -22.28
N ASP C 111 7.11 11.57 -23.48
CA ASP C 111 5.89 11.23 -24.19
C ASP C 111 6.09 9.96 -25.01
N SER C 112 5.10 9.62 -25.83
CA SER C 112 5.10 8.37 -26.59
C SER C 112 6.16 8.31 -27.68
N LYS C 113 6.88 9.41 -27.91
CA LYS C 113 7.86 9.44 -28.98
C LYS C 113 9.15 8.73 -28.63
N THR C 114 9.49 8.66 -27.33
CA THR C 114 10.76 8.08 -26.92
C THR C 114 10.59 7.14 -25.75
N GLN C 115 11.63 6.37 -25.45
CA GLN C 115 11.62 5.51 -24.26
C GLN C 115 11.87 6.35 -23.02
N SER C 116 11.21 6.00 -21.93
CA SER C 116 11.40 6.70 -20.67
C SER C 116 11.35 5.73 -19.49
N LEU C 117 11.95 6.16 -18.39
CA LEU C 117 12.07 5.33 -17.19
C LEU C 117 11.09 5.75 -16.10
N LEU C 118 10.25 4.80 -15.69
CA LEU C 118 9.26 5.04 -14.66
C LEU C 118 9.57 4.25 -13.40
N ILE C 119 9.85 4.95 -12.31
CA ILE C 119 10.12 4.31 -11.02
C ILE C 119 9.05 4.66 -10.02
N VAL C 120 8.21 3.69 -9.65
CA VAL C 120 7.12 3.96 -8.73
C VAL C 120 7.03 2.95 -7.59
N ASN C 121 6.93 3.47 -6.38
CA ASN C 121 6.71 2.63 -5.20
C ASN C 121 5.22 2.50 -4.90
N ASN C 122 4.66 1.30 -5.12
CA ASN C 122 3.25 1.04 -4.81
C ASN C 122 3.14 0.46 -3.39
N ALA C 123 1.97 -0.07 -3.05
CA ALA C 123 1.69 -0.53 -1.69
C ALA C 123 2.64 -1.61 -1.18
N THR C 124 3.14 -2.47 -2.07
CA THR C 124 3.92 -3.62 -1.62
C THR C 124 5.30 -3.77 -2.27
N ASN C 125 5.48 -3.18 -3.46
CA ASN C 125 6.69 -3.37 -4.25
C ASN C 125 7.08 -2.14 -5.04
N VAL C 126 8.34 -2.08 -5.45
CA VAL C 126 8.77 -1.02 -6.36
C VAL C 126 8.79 -1.53 -7.78
N VAL C 127 8.15 -0.79 -8.66
CA VAL C 127 8.06 -1.19 -10.06
C VAL C 127 8.87 -0.27 -10.94
N ILE C 128 9.85 -0.83 -11.62
CA ILE C 128 10.71 -0.06 -12.51
C ILE C 128 10.57 -0.54 -13.94
N LYS C 129 10.08 0.34 -14.81
CA LYS C 129 9.85 -0.04 -16.20
C LYS C 129 10.40 0.98 -17.17
N VAL C 130 10.84 0.50 -18.33
CA VAL C 130 11.24 1.38 -19.41
C VAL C 130 10.42 1.07 -20.66
N CYS C 131 9.61 2.05 -21.07
CA CYS C 131 8.65 1.89 -22.17
C CYS C 131 8.45 3.23 -22.87
N GLU C 132 7.76 3.19 -24.00
CA GLU C 132 7.37 4.42 -24.67
C GLU C 132 6.06 4.89 -24.05
N PHE C 133 6.19 5.48 -22.87
CA PHE C 133 5.04 5.89 -22.07
C PHE C 133 4.45 7.18 -22.60
N GLN C 134 3.14 7.27 -22.58
CA GLN C 134 2.48 8.54 -22.85
C GLN C 134 1.99 9.12 -21.54
N PHE C 135 2.79 9.98 -20.94
CA PHE C 135 2.51 10.50 -19.62
C PHE C 135 1.45 11.60 -19.68
N CYS C 136 0.69 11.73 -18.59
CA CYS C 136 -0.32 12.77 -18.43
C CYS C 136 0.33 14.15 -18.29
N ASN C 137 -0.44 15.19 -18.56
CA ASN C 137 0.05 16.56 -18.42
C ASN C 137 0.47 16.83 -16.98
N ASP C 138 -0.20 16.16 -16.05
CA ASP C 138 0.14 16.24 -14.64
C ASP C 138 -0.12 14.88 -13.98
N PRO C 139 0.86 13.97 -14.07
CA PRO C 139 0.77 12.57 -13.67
C PRO C 139 0.82 12.43 -12.15
N PHE C 140 0.02 11.50 -11.62
CA PHE C 140 0.06 11.21 -10.20
C PHE C 140 -0.65 9.91 -9.86
N LEU C 141 -0.50 9.47 -8.60
CA LEU C 141 -1.23 8.32 -8.11
C LEU C 141 -2.47 8.79 -7.37
N ASP C 142 -3.60 8.14 -7.63
CA ASP C 142 -4.85 8.57 -7.02
C ASP C 142 -5.21 7.65 -5.86
N VAL C 143 -5.09 8.16 -4.64
CA VAL C 143 -5.32 7.37 -3.45
C VAL C 143 -6.32 8.05 -2.53
N TYR C 144 -6.87 7.29 -1.61
CA TYR C 144 -7.73 7.86 -0.59
C TYR C 144 -7.37 7.29 0.77
N TYR C 145 -7.73 8.02 1.82
CA TYR C 145 -7.30 7.66 3.15
C TYR C 145 -8.45 7.15 4.01
N HIS C 146 -8.08 6.38 5.02
CA HIS C 146 -9.01 5.85 6.00
C HIS C 146 -9.56 6.98 6.85
N LYS C 147 -10.43 6.67 7.79
CA LYS C 147 -10.93 7.70 8.70
C LYS C 147 -9.80 8.16 9.61
N ASN C 148 -8.87 7.24 9.87
CA ASN C 148 -7.64 7.60 10.57
C ASN C 148 -6.68 8.18 9.55
N ASN C 149 -5.48 8.58 10.00
CA ASN C 149 -4.51 9.23 9.12
C ASN C 149 -3.23 8.39 8.96
N LYS C 150 -3.37 7.06 9.08
CA LYS C 150 -2.25 6.13 8.93
C LYS C 150 -2.45 5.18 7.76
N SER C 151 -3.70 4.76 7.55
CA SER C 151 -4.01 3.78 6.51
C SER C 151 -4.46 4.45 5.23
N TRP C 152 -4.18 3.81 4.10
CA TRP C 152 -4.61 4.32 2.80
C TRP C 152 -4.91 3.20 1.81
N MET C 153 -5.67 3.51 0.79
CA MET C 153 -5.99 2.54 -0.25
C MET C 153 -5.98 3.19 -1.62
N LYS C 154 -5.57 2.44 -2.63
CA LYS C 154 -5.48 2.98 -3.99
C LYS C 154 -6.85 3.06 -4.65
N SER C 155 -7.06 4.13 -5.42
CA SER C 155 -8.26 4.28 -6.23
C SER C 155 -7.94 3.95 -7.68
N GLU C 156 -6.95 4.65 -8.22
CA GLU C 156 -6.56 4.47 -9.61
C GLU C 156 -5.12 4.91 -9.83
N PHE C 157 -4.63 4.75 -11.05
CA PHE C 157 -3.28 5.14 -11.42
C PHE C 157 -3.35 6.12 -12.58
N ARG C 158 -2.94 7.36 -12.35
CA ARG C 158 -3.14 8.41 -13.34
C ARG C 158 -1.81 9.00 -13.79
N VAL C 159 -0.89 8.13 -14.19
CA VAL C 159 0.44 8.56 -14.58
C VAL C 159 0.58 8.59 -16.09
N TYR C 160 0.10 7.54 -16.75
CA TYR C 160 0.19 7.42 -18.20
C TYR C 160 -1.05 6.78 -18.78
N SER C 161 -1.29 7.05 -20.07
CA SER C 161 -2.42 6.46 -20.78
C SER C 161 -2.00 5.23 -21.58
N SER C 162 -0.70 5.11 -21.84
CA SER C 162 -0.17 3.98 -22.61
C SER C 162 1.27 3.68 -22.24
N ALA C 163 1.71 2.46 -22.53
CA ALA C 163 3.07 2.02 -22.26
C ALA C 163 3.53 1.02 -23.31
N ASN C 164 3.89 1.51 -24.48
CA ASN C 164 4.16 0.64 -25.62
C ASN C 164 5.64 0.31 -25.74
N ASN C 165 5.96 -0.73 -26.53
CA ASN C 165 7.37 -1.12 -26.79
C ASN C 165 8.19 -1.12 -25.49
N CYS C 166 7.78 -1.89 -24.48
CA CYS C 166 8.56 -2.01 -23.25
C CYS C 166 9.82 -2.86 -23.45
N THR C 167 10.95 -2.35 -22.96
CA THR C 167 12.22 -3.03 -23.13
C THR C 167 12.80 -3.55 -21.82
N PHE C 168 12.37 -2.96 -20.71
CA PHE C 168 12.93 -3.34 -19.41
C PHE C 168 11.88 -3.35 -18.32
N GLU C 169 11.91 -4.37 -17.48
CA GLU C 169 11.04 -4.45 -16.31
C GLU C 169 11.75 -5.08 -15.13
N TYR C 170 11.63 -4.43 -13.99
CA TYR C 170 12.24 -4.89 -12.75
C TYR C 170 11.32 -4.66 -11.56
N VAL C 171 11.18 -5.67 -10.72
CA VAL C 171 10.37 -5.55 -9.52
C VAL C 171 11.12 -6.04 -8.30
N SER C 172 11.12 -5.24 -7.25
CA SER C 172 11.78 -5.61 -6.01
C SER C 172 11.07 -5.01 -4.81
N GLN C 173 11.77 -4.97 -3.68
CA GLN C 173 11.18 -4.43 -2.46
C GLN C 173 11.15 -2.90 -2.53
N PRO C 174 10.19 -2.25 -1.86
CA PRO C 174 10.01 -0.82 -1.82
C PRO C 174 11.29 -0.10 -1.40
N PHE C 175 11.51 1.08 -1.97
CA PHE C 175 12.66 1.90 -1.59
C PHE C 175 12.54 2.41 -0.15
N LEU C 176 11.29 2.65 0.30
CA LEU C 176 10.99 3.07 1.67
C LEU C 176 11.36 1.97 2.66
N PHE C 186 8.49 12.12 14.45
CA PHE C 186 9.74 12.09 13.67
C PHE C 186 9.40 11.93 12.18
N LYS C 187 9.95 12.81 11.33
CA LYS C 187 9.73 12.69 9.89
C LYS C 187 10.78 11.79 9.26
N ASN C 188 10.46 11.23 8.09
CA ASN C 188 11.39 10.38 7.39
C ASN C 188 12.19 11.14 6.36
N LEU C 189 13.52 11.07 6.47
CA LEU C 189 14.39 11.69 5.49
C LEU C 189 14.95 10.64 4.55
N ARG C 190 14.68 10.82 3.26
CA ARG C 190 15.18 9.90 2.26
C ARG C 190 16.02 10.62 1.23
N GLU C 191 17.21 10.11 1.00
CA GLU C 191 18.12 10.73 0.05
C GLU C 191 18.49 9.75 -1.05
N PHE C 192 18.51 10.25 -2.27
CA PHE C 192 18.86 9.45 -3.44
C PHE C 192 19.84 10.18 -4.34
N VAL C 193 20.72 9.43 -4.97
CA VAL C 193 21.58 9.97 -6.01
C VAL C 193 21.38 9.22 -7.31
N PHE C 194 21.03 9.94 -8.36
CA PHE C 194 20.74 9.34 -9.65
C PHE C 194 21.81 9.65 -10.69
N LYS C 195 22.50 8.62 -11.15
CA LYS C 195 23.53 8.77 -12.17
C LYS C 195 23.20 7.92 -13.39
N ASN C 196 23.68 8.33 -14.55
CA ASN C 196 23.46 7.55 -15.77
C ASN C 196 24.73 7.43 -16.59
N ILE C 197 25.46 6.33 -16.37
CA ILE C 197 26.76 6.16 -16.99
C ILE C 197 26.83 4.91 -17.87
N ASP C 198 27.16 5.11 -19.13
CA ASP C 198 27.31 4.01 -20.09
C ASP C 198 26.06 3.13 -20.14
N GLY C 199 24.90 3.74 -20.03
CA GLY C 199 23.63 3.03 -20.14
C GLY C 199 23.12 2.52 -18.79
N TYR C 200 23.93 2.62 -17.75
CA TYR C 200 23.52 2.16 -16.44
C TYR C 200 22.97 3.28 -15.58
N PHE C 201 21.72 3.13 -15.17
CA PHE C 201 21.10 4.09 -14.29
C PHE C 201 21.34 3.62 -12.87
N LYS C 202 22.23 4.30 -12.18
CA LYS C 202 22.68 3.85 -10.88
C LYS C 202 22.06 4.66 -9.77
N ILE C 203 21.47 3.97 -8.81
CA ILE C 203 20.80 4.63 -7.70
C ILE C 203 21.50 4.33 -6.39
N TYR C 204 21.82 5.38 -5.64
CA TYR C 204 22.35 5.26 -4.30
C TYR C 204 21.33 5.83 -3.34
N SER C 205 21.28 5.33 -2.11
CA SER C 205 20.27 5.85 -1.18
C SER C 205 20.65 5.73 0.29
N LYS C 206 19.94 6.51 1.09
CA LYS C 206 20.03 6.46 2.56
C LYS C 206 18.70 6.83 3.18
N HIS C 207 18.30 6.12 4.23
CA HIS C 207 17.06 6.42 4.95
C HIS C 207 17.30 6.59 6.44
N THR C 208 17.07 7.80 6.94
CA THR C 208 17.24 8.11 8.35
C THR C 208 16.03 8.89 8.86
N PRO C 209 15.77 8.87 10.17
CA PRO C 209 14.83 9.73 10.86
C PRO C 209 15.38 11.15 10.95
N ILE C 210 14.49 12.13 10.90
CA ILE C 210 14.89 13.52 11.07
C ILE C 210 13.94 14.25 12.01
N ASN C 211 14.51 15.11 12.87
CA ASN C 211 13.73 15.84 13.85
C ASN C 211 13.60 17.32 13.55
N LEU C 212 13.86 17.70 12.30
CA LEU C 212 13.72 19.08 11.87
C LEU C 212 12.34 19.30 11.26
N VAL C 213 11.87 20.53 11.29
CA VAL C 213 10.54 20.84 10.78
C VAL C 213 10.48 20.90 9.25
N ARG C 214 11.40 21.65 8.65
CA ARG C 214 11.34 21.85 7.21
C ARG C 214 12.68 22.15 6.56
N ASP C 215 13.72 21.41 6.93
CA ASP C 215 15.02 21.64 6.31
C ASP C 215 15.90 20.40 6.35
N LEU C 216 17.07 20.50 5.74
CA LEU C 216 18.04 19.41 5.71
C LEU C 216 18.92 19.49 6.95
N PRO C 217 19.39 18.34 7.46
CA PRO C 217 20.24 18.18 8.62
C PRO C 217 21.65 18.64 8.34
N GLN C 218 22.36 19.06 9.39
CA GLN C 218 23.76 19.43 9.28
C GLN C 218 24.65 18.37 9.90
N GLY C 219 25.37 17.65 9.06
CA GLY C 219 26.20 16.54 9.48
C GLY C 219 26.57 15.70 8.26
N PHE C 220 27.28 14.60 8.48
CA PHE C 220 27.70 13.78 7.35
C PHE C 220 27.08 12.38 7.38
N SER C 221 26.62 11.94 6.22
CA SER C 221 26.11 10.59 6.05
C SER C 221 26.29 10.13 4.61
N ALA C 222 26.98 9.00 4.43
CA ALA C 222 27.26 8.49 3.09
C ALA C 222 26.12 7.61 2.59
N LEU C 223 25.82 7.70 1.30
CA LEU C 223 24.79 6.89 0.67
C LEU C 223 25.35 5.61 0.10
N GLU C 224 24.58 4.53 0.18
CA GLU C 224 25.02 3.23 -0.31
C GLU C 224 24.31 2.87 -1.61
N PRO C 225 24.93 2.04 -2.46
CA PRO C 225 24.37 1.50 -3.69
C PRO C 225 23.05 0.81 -3.42
N LEU C 226 22.07 1.07 -4.27
CA LEU C 226 20.75 0.45 -4.14
C LEU C 226 20.48 -0.51 -5.29
N VAL C 227 20.60 -0.01 -6.51
CA VAL C 227 20.35 -0.85 -7.69
C VAL C 227 21.06 -0.32 -8.93
N ASP C 228 21.57 -1.24 -9.75
CA ASP C 228 22.19 -0.90 -11.03
C ASP C 228 21.31 -1.35 -12.17
N LEU C 229 20.75 -0.40 -12.91
CA LEU C 229 19.79 -0.73 -13.96
C LEU C 229 20.40 -0.58 -15.38
N PRO C 230 20.59 -1.69 -16.10
CA PRO C 230 21.17 -1.77 -17.43
C PRO C 230 20.13 -1.39 -18.48
N ILE C 231 19.86 -0.10 -18.61
CA ILE C 231 18.73 0.35 -19.41
C ILE C 231 19.12 0.85 -20.81
N GLY C 232 20.11 1.73 -20.90
CA GLY C 232 20.56 2.24 -22.19
C GLY C 232 19.67 3.33 -22.82
N ILE C 233 19.18 4.27 -22.01
CA ILE C 233 18.36 5.36 -22.56
C ILE C 233 18.94 6.75 -22.24
N ASN C 234 18.47 7.74 -23.00
CA ASN C 234 18.84 9.15 -22.86
C ASN C 234 17.93 9.85 -21.86
N ILE C 235 18.53 10.45 -20.81
CA ILE C 235 17.80 11.19 -19.79
C ILE C 235 18.31 12.62 -19.68
N THR C 236 17.41 13.59 -19.83
CA THR C 236 17.77 15.00 -19.73
C THR C 236 16.91 15.74 -18.72
N ARG C 237 15.74 15.18 -18.42
CA ARG C 237 14.78 15.80 -17.51
C ARG C 237 14.13 14.75 -16.61
N PHE C 238 13.59 15.19 -15.47
CA PHE C 238 12.84 14.27 -14.63
C PHE C 238 11.72 14.98 -13.88
N GLN C 239 10.76 14.20 -13.40
CA GLN C 239 9.62 14.74 -12.67
C GLN C 239 9.28 13.90 -11.45
N THR C 240 8.85 14.54 -10.38
CA THR C 240 8.49 13.84 -9.15
C THR C 240 7.01 13.44 -9.13
N LEU C 241 6.74 12.18 -8.80
CA LEU C 241 5.37 11.68 -8.70
C LEU C 241 4.86 11.66 -7.27
N LEU C 242 3.73 12.32 -7.05
CA LEU C 242 3.10 12.41 -5.75
C LEU C 242 1.85 11.55 -5.69
N ALA C 243 1.49 11.10 -4.49
CA ALA C 243 0.21 10.44 -4.27
C ALA C 243 -0.79 11.46 -3.75
N LEU C 244 -1.77 11.80 -4.58
CA LEU C 244 -2.74 12.84 -4.25
C LEU C 244 -4.07 12.21 -3.90
N HIS C 245 -4.91 12.95 -3.19
CA HIS C 245 -6.24 12.44 -2.84
C HIS C 245 -7.32 13.51 -3.02
N ARG C 246 -8.53 13.06 -3.38
CA ARG C 246 -9.67 13.94 -3.60
C ARG C 246 -10.55 14.01 -2.35
N GLY C 257 -9.56 19.86 -6.88
CA GLY C 257 -10.15 18.55 -6.65
C GLY C 257 -9.25 17.66 -5.80
N TRP C 258 -8.01 17.47 -6.27
CA TRP C 258 -7.01 16.63 -5.61
C TRP C 258 -6.02 17.48 -4.83
N THR C 259 -5.63 16.99 -3.66
CA THR C 259 -4.69 17.71 -2.80
C THR C 259 -3.65 16.77 -2.18
N ALA C 260 -2.86 17.31 -1.26
CA ALA C 260 -1.77 16.56 -0.64
C ALA C 260 -1.56 17.00 0.81
N GLY C 261 -0.91 16.16 1.60
CA GLY C 261 -0.57 16.51 2.96
C GLY C 261 0.73 17.30 2.99
N ALA C 262 1.28 17.51 4.19
CA ALA C 262 2.49 18.32 4.32
C ALA C 262 3.75 17.51 4.04
N ALA C 263 4.52 17.96 3.06
CA ALA C 263 5.78 17.32 2.67
C ALA C 263 6.60 18.29 1.84
N ALA C 264 7.90 18.02 1.73
CA ALA C 264 8.77 18.83 0.88
C ALA C 264 9.93 18.00 0.34
N TYR C 265 10.52 18.47 -0.75
CA TYR C 265 11.67 17.79 -1.33
C TYR C 265 12.68 18.77 -1.90
N TYR C 266 13.91 18.30 -2.02
CA TYR C 266 15.02 19.15 -2.42
C TYR C 266 15.77 18.55 -3.60
N VAL C 267 16.18 19.39 -4.54
CA VAL C 267 16.92 18.93 -5.71
C VAL C 267 18.23 19.68 -5.93
N GLY C 268 19.32 18.93 -6.00
CA GLY C 268 20.64 19.50 -6.26
C GLY C 268 21.26 18.81 -7.46
N TYR C 269 22.46 19.23 -7.85
CA TYR C 269 23.11 18.61 -9.00
C TYR C 269 24.55 18.26 -8.72
N LEU C 270 25.00 17.17 -9.32
CA LEU C 270 26.34 16.66 -9.10
C LEU C 270 27.36 17.35 -9.99
N GLN C 271 28.59 17.49 -9.50
CA GLN C 271 29.68 18.04 -10.28
C GLN C 271 30.92 17.16 -10.15
N PRO C 272 31.78 17.14 -11.18
CA PRO C 272 33.05 16.45 -11.23
C PRO C 272 34.06 17.13 -10.32
N ARG C 273 34.19 16.62 -9.11
CA ARG C 273 35.04 17.23 -8.10
C ARG C 273 35.87 16.20 -7.36
N THR C 274 36.95 16.65 -6.73
CA THR C 274 37.81 15.76 -5.97
C THR C 274 37.45 15.79 -4.50
N PHE C 275 37.34 14.61 -3.90
CA PHE C 275 37.04 14.49 -2.48
C PHE C 275 38.03 13.59 -1.75
N LEU C 276 38.30 13.95 -0.50
CA LEU C 276 39.05 13.08 0.39
C LEU C 276 38.09 12.41 1.36
N LEU C 277 37.97 11.09 1.27
CA LEU C 277 37.00 10.35 2.07
C LEU C 277 37.66 9.64 3.24
N LYS C 278 37.08 9.81 4.43
CA LYS C 278 37.61 9.19 5.63
C LYS C 278 36.83 7.95 6.03
N TYR C 279 37.50 6.79 5.92
CA TYR C 279 36.91 5.51 6.29
C TYR C 279 37.35 5.12 7.70
N ASN C 280 36.38 4.75 8.54
CA ASN C 280 36.69 4.34 9.91
C ASN C 280 37.10 2.88 9.96
N GLU C 281 37.25 2.35 11.17
CA GLU C 281 37.71 0.97 11.36
C GLU C 281 36.80 -0.07 10.71
N ASN C 282 35.48 0.20 10.69
CA ASN C 282 34.49 -0.71 10.13
C ASN C 282 34.27 -0.52 8.63
N GLY C 283 35.04 0.40 8.01
CA GLY C 283 34.97 0.67 6.58
C GLY C 283 33.82 1.60 6.19
N THR C 284 33.31 2.34 7.17
CA THR C 284 32.22 3.28 6.92
C THR C 284 32.78 4.68 6.76
N ILE C 285 32.27 5.40 5.76
CA ILE C 285 32.74 6.77 5.59
C ILE C 285 32.09 7.65 6.64
N THR C 286 32.90 8.33 7.43
CA THR C 286 32.40 9.16 8.52
C THR C 286 32.62 10.63 8.24
N ASP C 287 33.50 10.93 7.29
CA ASP C 287 33.78 12.30 6.92
C ASP C 287 34.22 12.42 5.48
N ALA C 288 34.15 13.63 4.95
CA ALA C 288 34.60 13.90 3.58
C ALA C 288 35.00 15.36 3.42
N VAL C 289 36.02 15.60 2.60
CA VAL C 289 36.47 16.95 2.31
C VAL C 289 36.29 17.30 0.84
N ASP C 290 35.58 18.40 0.58
CA ASP C 290 35.42 18.90 -0.78
C ASP C 290 36.63 19.75 -1.14
N CYS C 291 37.51 19.20 -2.00
CA CYS C 291 38.82 19.78 -2.28
C CYS C 291 38.71 21.06 -3.10
N ALA C 292 37.51 21.35 -3.59
CA ALA C 292 37.29 22.54 -4.41
C ALA C 292 36.50 23.60 -3.67
N LEU C 293 36.24 23.37 -2.39
CA LEU C 293 35.42 24.29 -1.60
C LEU C 293 36.15 25.58 -1.23
N ASP C 294 37.34 25.45 -0.66
CA ASP C 294 38.11 26.60 -0.20
C ASP C 294 39.58 26.19 -0.04
N PRO C 295 40.51 27.16 0.18
CA PRO C 295 41.93 26.94 0.38
C PRO C 295 42.28 26.04 1.57
N LEU C 296 41.38 25.94 2.54
CA LEU C 296 41.65 25.10 3.71
C LEU C 296 41.47 23.64 3.33
N SER C 297 40.41 23.37 2.59
CA SER C 297 40.14 22.03 2.09
C SER C 297 41.23 21.62 1.10
N GLU C 298 41.69 22.57 0.29
CA GLU C 298 42.75 22.29 -0.66
C GLU C 298 44.01 21.81 0.06
N THR C 299 44.34 22.47 1.16
CA THR C 299 45.50 22.10 1.96
C THR C 299 45.33 20.71 2.55
N LYS C 300 44.16 20.44 3.11
CA LYS C 300 43.89 19.14 3.71
C LYS C 300 43.95 18.00 2.69
N CYS C 301 43.41 18.24 1.49
CA CYS C 301 43.43 17.24 0.41
C CYS C 301 44.86 17.01 -0.10
N THR C 302 45.61 18.09 -0.27
CA THR C 302 46.99 18.00 -0.75
C THR C 302 47.84 17.15 0.18
N LEU C 303 47.67 17.37 1.48
CA LEU C 303 48.45 16.68 2.50
C LEU C 303 47.82 15.37 2.95
N LYS C 304 46.69 15.02 2.33
CA LYS C 304 45.97 13.80 2.71
C LYS C 304 45.67 13.73 4.20
N SER C 305 45.16 14.83 4.75
CA SER C 305 44.81 14.95 6.16
C SER C 305 43.82 16.09 6.37
C1 NAG D . 2.65 -3.59 -6.77
C2 NAG D . 1.31 -4.39 -6.67
C3 NAG D . 1.62 -5.89 -6.78
C4 NAG D . 2.34 -6.18 -8.11
C5 NAG D . 3.63 -5.34 -8.14
C6 NAG D . 4.39 -5.54 -9.45
C7 NAG D . -0.59 -3.89 -5.23
C8 NAG D . -1.20 -3.66 -3.89
N2 NAG D . 0.70 -4.15 -5.35
O3 NAG D . 0.41 -6.65 -6.72
O4 NAG D . 2.68 -7.58 -8.14
O5 NAG D . 3.31 -3.92 -8.02
O6 NAG D . 3.66 -5.06 -10.57
O7 NAG D . -1.30 -3.83 -6.24
C1 NAG D . 2.15 -8.26 -9.36
C2 NAG D . 2.77 -9.69 -9.46
C3 NAG D . 2.25 -10.34 -10.74
C4 NAG D . 0.70 -10.40 -10.70
C5 NAG D . 0.16 -8.95 -10.55
C6 NAG D . -1.35 -8.93 -10.45
C7 NAG D . 4.99 -9.77 -8.46
C8 NAG D . 6.48 -9.64 -8.56
N2 NAG D . 4.23 -9.57 -9.54
O3 NAG D . 2.79 -11.67 -10.83
O4 NAG D . 0.20 -10.95 -11.93
O5 NAG D . 0.71 -8.33 -9.35
O6 NAG D . -1.84 -7.60 -10.44
O7 NAG D . 4.47 -10.05 -7.38
C1 BMA D . -0.02 -12.44 -11.91
C2 BMA D . -1.37 -12.75 -12.63
C3 BMA D . -1.59 -14.28 -12.57
C4 BMA D . -0.40 -15.00 -13.24
C5 BMA D . 0.90 -14.60 -12.51
C6 BMA D . 2.12 -15.22 -13.16
O2 BMA D . -1.33 -12.30 -13.97
O3 BMA D . -2.81 -14.62 -13.25
O4 BMA D . -0.60 -16.40 -13.17
O5 BMA D . 1.07 -13.14 -12.54
O6 BMA D . 3.27 -15.07 -12.33
C1 NAG E . 23.39 30.80 -2.47
C2 NAG E . 24.83 31.32 -2.81
C3 NAG E . 25.11 32.57 -1.95
C4 NAG E . 24.04 33.64 -2.27
C5 NAG E . 22.64 33.05 -1.96
C6 NAG E . 21.54 34.04 -2.29
C7 NAG E . 26.26 29.45 -3.41
C8 NAG E . 27.24 28.37 -3.06
N2 NAG E . 25.81 30.28 -2.47
O3 NAG E . 26.41 33.10 -2.26
O4 NAG E . 24.28 34.79 -1.46
O5 NAG E . 22.43 31.84 -2.75
O6 NAG E . 20.27 33.55 -1.86
O7 NAG E . 25.86 29.56 -4.58
C1 NAG F . 32.89 -0.39 14.69
C2 NAG F . 32.52 0.90 15.51
C3 NAG F . 32.54 0.55 17.01
C4 NAG F . 31.53 -0.58 17.28
C5 NAG F . 31.93 -1.81 16.43
C6 NAG F . 30.94 -2.95 16.61
C7 NAG F . 33.17 3.13 14.81
C8 NAG F . 34.21 4.17 14.53
N2 NAG F . 33.53 1.93 15.24
O3 NAG F . 32.17 1.71 17.78
O4 NAG F . 31.55 -0.91 18.66
O5 NAG F . 31.94 -1.44 15.01
O6 NAG F . 31.40 -4.14 15.96
O7 NAG F . 31.98 3.40 14.63
C1 NAG G . 6.75 -1.31 -31.30
C2 NAG G . 5.23 -0.94 -31.37
C3 NAG G . 4.77 -1.05 -32.84
C4 NAG G . 5.62 -0.09 -33.71
C5 NAG G . 7.11 -0.48 -33.56
C6 NAG G . 8.01 0.45 -34.34
C7 NAG G . 3.32 -1.46 -29.88
C8 NAG G . 2.58 -2.40 -29.00
N2 NAG G . 4.46 -1.90 -30.56
O3 NAG G . 3.39 -0.69 -32.93
O4 NAG G . 5.22 -0.20 -35.06
O5 NAG G . 7.51 -0.41 -32.15
O6 NAG G . 9.36 -0.02 -34.34
O7 NAG G . 2.92 -0.30 -30.06
C1 NAG H . 19.64 13.38 -25.40
C2 NAG H . 20.97 13.35 -26.25
C3 NAG H . 21.49 14.79 -26.40
C4 NAG H . 20.40 15.66 -27.08
C5 NAG H . 19.13 15.62 -26.22
C6 NAG H . 18.01 16.41 -26.87
C7 NAG H . 22.26 11.32 -25.98
C8 NAG H . 23.28 10.49 -25.27
N2 NAG H . 21.97 12.54 -25.55
O3 NAG H . 22.68 14.80 -27.19
O4 NAG H . 20.87 17.00 -27.21
O5 NAG H . 18.67 14.23 -26.06
O6 NAG H . 16.79 16.30 -26.14
O7 NAG H . 21.67 10.84 -26.96
C1 NAG I . -7.41 12.46 10.65
C2 NAG I . -8.14 12.34 12.05
C3 NAG I . -9.37 13.25 12.03
C4 NAG I . -8.93 14.70 11.76
C5 NAG I . -8.20 14.74 10.40
C6 NAG I . -7.70 16.15 10.07
C7 NAG I . -8.50 10.40 13.46
C8 NAG I . -8.93 8.98 13.69
N2 NAG I . -8.55 10.95 12.25
O3 NAG I . -10.04 13.19 13.30
O4 NAG I . -10.08 15.55 11.71
O5 NAG I . -7.05 13.84 10.42
O6 NAG I . -6.80 16.63 11.07
O7 NAG I . -8.08 11.06 14.42
C1 NAG J . -4.61 19.14 -20.75
C2 NAG J . -5.20 18.36 -21.98
C3 NAG J . -4.17 18.40 -23.11
C4 NAG J . -3.87 19.87 -23.47
C5 NAG J . -3.32 20.59 -22.22
C6 NAG J . -3.05 22.06 -22.49
C7 NAG J . -6.63 16.57 -21.15
C8 NAG J . -6.86 15.15 -20.74
N2 NAG J . -5.43 16.97 -21.57
O3 NAG J . -4.70 17.72 -24.27
O4 NAG J . -2.91 19.92 -24.52
O5 NAG J . -4.31 20.51 -21.14
O6 NAG J . -2.25 22.63 -21.46
O7 NAG J . -7.57 17.38 -21.10
#